data_5Q0I
#
_entry.id   5Q0I
#
_cell.length_a   35.648
_cell.length_b   54.952
_cell.length_c   108.801
_cell.angle_alpha   90.000
_cell.angle_beta   90.000
_cell.angle_gamma   90.000
#
_symmetry.space_group_name_H-M   'P 21 21 21'
#
loop_
_entity.id
_entity.type
_entity.pdbx_description
1 polymer 'Bile acid receptor'
2 polymer 'COACTIVATOR PEPTIDE PGC-1A PPAR GAMMA COACTIVATOR'
3 non-polymer 2-[(3,4-dimethoxyphenyl)-(4-methylphenyl)sulfonyl-amino]-N-(2,4-dimethylpentan-3-yl)ethanamide
4 water water
#
loop_
_entity_poly.entity_id
_entity_poly.type
_entity_poly.pdbx_seq_one_letter_code
_entity_poly.pdbx_strand_id
1 'polypeptide(L)'
;GSHMELTPDQQTLLHFIMDSYNKQRMPQEITNKILKEAFSAEENFLILTEMATNHVQVLVEFTKKLPGFQTLDHEDQIAL
LKGSAVEAMFLRSAEIFNKKLPSGHSDLLEARIRNSGISDEYITPMFSFYKSIGELKMTQEEYALLTAIVILSPDRQYIK
DREAVEKLQEPLLDVLQKLCKIHQPENPQHFACLLGRLTELRTFNHHHAEMLMSWRVNDHKFTPLLCEIWDVQ
;
A
2 'polypeptide(L)' PSLLKKLLLAPA B
#
loop_
_chem_comp.id
_chem_comp.type
_chem_comp.name
_chem_comp.formula
0X0 non-polymer 2-[(3,4-dimethoxyphenyl)-(4-methylphenyl)sulfonyl-amino]-N-(2,4-dimethylpentan-3-yl)ethanamide 'C24 H34 N2 O5 S'
#
# COMPACT_ATOMS: atom_id res chain seq x y z
N MET A 4 29.06 -0.02 0.22
CA MET A 4 27.98 0.91 -0.07
C MET A 4 27.07 0.47 -1.27
N GLU A 5 27.68 0.10 -2.40
CA GLU A 5 27.01 -0.24 -3.65
C GLU A 5 26.24 -1.55 -3.60
N LEU A 6 25.10 -1.62 -4.29
CA LEU A 6 24.33 -2.86 -4.35
C LEU A 6 25.11 -3.87 -5.18
N THR A 7 25.18 -5.10 -4.67
CA THR A 7 25.81 -6.21 -5.39
C THR A 7 24.85 -6.64 -6.52
N PRO A 8 25.35 -7.39 -7.54
CA PRO A 8 24.46 -7.88 -8.62
C PRO A 8 23.18 -8.57 -8.14
N ASP A 9 23.27 -9.44 -7.11
CA ASP A 9 22.07 -10.07 -6.58
C ASP A 9 21.04 -9.04 -6.05
N GLN A 10 21.51 -8.01 -5.29
CA GLN A 10 20.64 -6.96 -4.75
C GLN A 10 20.04 -6.12 -5.87
N GLN A 11 20.82 -5.91 -6.94
CA GLN A 11 20.30 -5.17 -8.10
C GLN A 11 19.13 -5.93 -8.74
N THR A 12 19.23 -7.27 -8.85
CA THR A 12 18.14 -8.05 -9.46
C THR A 12 16.89 -7.90 -8.60
N LEU A 13 17.01 -8.01 -7.26
CA LEU A 13 15.85 -7.85 -6.35
C LEU A 13 15.26 -6.48 -6.58
N LEU A 14 16.11 -5.43 -6.60
CA LEU A 14 15.62 -4.04 -6.76
C LEU A 14 14.96 -3.80 -8.15
N HIS A 15 15.56 -4.32 -9.24
CA HIS A 15 14.96 -4.22 -10.58
C HIS A 15 13.55 -4.80 -10.58
N PHE A 16 13.39 -6.03 -10.08
CA PHE A 16 12.09 -6.71 -9.98
C PHE A 16 11.05 -5.88 -9.26
N ILE A 17 11.42 -5.31 -8.08
CA ILE A 17 10.50 -4.49 -7.27
C ILE A 17 10.14 -3.20 -8.00
N MET A 18 11.16 -2.50 -8.54
CA MET A 18 10.95 -1.20 -9.23
C MET A 18 10.17 -1.35 -10.52
N ASP A 19 10.50 -2.35 -11.33
CA ASP A 19 9.77 -2.57 -12.58
C ASP A 19 8.30 -2.83 -12.31
N SER A 20 8.01 -3.70 -11.32
CA SER A 20 6.65 -4.09 -10.97
CA SER A 20 6.65 -4.10 -10.94
C SER A 20 5.87 -2.97 -10.30
N TYR A 21 6.53 -2.21 -9.40
CA TYR A 21 5.87 -1.11 -8.70
C TYR A 21 5.38 0.00 -9.63
N ASN A 22 6.24 0.42 -10.60
CA ASN A 22 5.90 1.51 -11.51
CA ASN A 22 5.96 1.50 -11.54
C ASN A 22 5.38 1.04 -12.88
N LYS A 23 4.98 -0.24 -12.99
CA LYS A 23 4.41 -0.80 -14.22
C LYS A 23 3.06 -0.12 -14.52
N GLN A 24 2.16 -0.12 -13.53
CA GLN A 24 0.82 0.46 -13.58
C GLN A 24 0.76 1.78 -12.84
N ARG A 25 -0.20 2.61 -13.21
CA ARG A 25 -0.41 3.92 -12.61
C ARG A 25 -1.88 4.05 -12.27
N MET A 26 -2.21 4.77 -11.18
CA MET A 26 -3.62 5.01 -10.82
CA MET A 26 -3.62 5.03 -10.80
C MET A 26 -4.18 5.97 -11.87
N PRO A 27 -5.26 5.58 -12.62
CA PRO A 27 -5.79 6.47 -13.67
C PRO A 27 -6.11 7.88 -13.22
N GLN A 28 -5.55 8.87 -13.94
CA GLN A 28 -5.75 10.30 -13.69
C GLN A 28 -7.21 10.65 -13.63
N GLU A 29 -8.04 9.94 -14.41
CA GLU A 29 -9.46 10.19 -14.48
C GLU A 29 -10.20 9.82 -13.18
N ILE A 30 -9.67 8.87 -12.37
CA ILE A 30 -10.32 8.53 -11.10
C ILE A 30 -10.20 9.73 -10.15
N THR A 31 -8.97 10.26 -10.00
CA THR A 31 -8.69 11.43 -9.16
C THR A 31 -9.35 12.69 -9.72
N ASN A 32 -9.42 12.82 -11.06
CA ASN A 32 -10.05 13.97 -11.71
C ASN A 32 -11.55 14.10 -11.42
N LYS A 33 -12.26 12.95 -11.19
CA LYS A 33 -13.71 12.94 -10.89
CA LYS A 33 -13.71 12.97 -10.90
C LYS A 33 -14.00 13.72 -9.60
N ILE A 34 -13.07 13.68 -8.63
CA ILE A 34 -13.22 14.36 -7.35
C ILE A 34 -13.40 15.88 -7.51
N LEU A 35 -12.63 16.51 -8.39
CA LEU A 35 -12.74 17.95 -8.61
C LEU A 35 -13.68 18.35 -9.74
N LYS A 36 -13.95 17.44 -10.71
CA LYS A 36 -14.78 17.82 -11.85
C LYS A 36 -16.26 17.45 -11.71
N GLU A 37 -16.59 16.54 -10.80
CA GLU A 37 -17.97 16.09 -10.63
C GLU A 37 -18.44 16.29 -9.18
N ALA A 38 -19.77 16.26 -8.95
CA ALA A 38 -20.36 16.39 -7.62
C ALA A 38 -19.68 15.40 -6.67
N PHE A 39 -19.30 15.86 -5.49
CA PHE A 39 -18.62 15.01 -4.53
C PHE A 39 -19.24 15.07 -3.13
N SER A 40 -20.38 14.40 -2.95
CA SER A 40 -20.98 14.28 -1.63
C SER A 40 -20.63 12.89 -1.11
N ALA A 41 -21.15 12.49 0.07
CA ALA A 41 -20.83 11.21 0.70
C ALA A 41 -20.95 10.01 -0.24
N GLU A 42 -22.03 9.93 -1.05
CA GLU A 42 -22.26 8.82 -1.98
C GLU A 42 -21.17 8.71 -3.05
N GLU A 43 -20.85 9.82 -3.75
CA GLU A 43 -19.77 9.85 -4.74
C GLU A 43 -18.43 9.57 -4.08
N ASN A 44 -18.20 10.05 -2.84
CA ASN A 44 -16.99 9.78 -2.06
C ASN A 44 -16.86 8.26 -1.84
N PHE A 45 -17.97 7.59 -1.54
CA PHE A 45 -17.95 6.14 -1.35
C PHE A 45 -17.64 5.40 -2.66
N LEU A 46 -18.29 5.79 -3.78
CA LEU A 46 -18.08 5.15 -5.08
C LEU A 46 -16.66 5.32 -5.59
N ILE A 47 -16.09 6.54 -5.42
CA ILE A 47 -14.72 6.83 -5.87
CA ILE A 47 -14.71 6.86 -5.84
C ILE A 47 -13.71 6.07 -5.00
N LEU A 48 -13.98 5.97 -3.68
CA LEU A 48 -13.17 5.20 -2.74
CA LEU A 48 -13.16 5.19 -2.75
C LEU A 48 -13.08 3.74 -3.26
N THR A 49 -14.23 3.16 -3.64
CA THR A 49 -14.29 1.77 -4.13
CA THR A 49 -14.35 1.78 -4.16
C THR A 49 -13.51 1.61 -5.43
N GLU A 50 -13.61 2.56 -6.38
CA GLU A 50 -12.84 2.50 -7.62
C GLU A 50 -11.33 2.56 -7.29
N MET A 51 -10.91 3.45 -6.39
CA MET A 51 -9.50 3.60 -6.03
C MET A 51 -8.97 2.38 -5.33
N ALA A 52 -9.74 1.85 -4.35
CA ALA A 52 -9.36 0.66 -3.60
C ALA A 52 -9.26 -0.52 -4.58
N THR A 53 -10.20 -0.62 -5.52
CA THR A 53 -10.17 -1.69 -6.55
C THR A 53 -8.85 -1.60 -7.33
N ASN A 54 -8.46 -0.38 -7.76
CA ASN A 54 -7.20 -0.14 -8.44
C ASN A 54 -6.01 -0.62 -7.60
N HIS A 55 -6.00 -0.29 -6.29
CA HIS A 55 -4.95 -0.74 -5.39
C HIS A 55 -4.86 -2.26 -5.37
N VAL A 56 -6.01 -2.96 -5.27
CA VAL A 56 -6.04 -4.43 -5.22
C VAL A 56 -5.45 -5.02 -6.48
N GLN A 57 -5.84 -4.47 -7.64
CA GLN A 57 -5.36 -4.93 -8.95
C GLN A 57 -3.82 -4.77 -9.04
N VAL A 58 -3.30 -3.61 -8.60
CA VAL A 58 -1.87 -3.29 -8.64
C VAL A 58 -1.06 -4.15 -7.64
N LEU A 59 -1.53 -4.20 -6.39
CA LEU A 59 -0.95 -4.94 -5.27
CA LEU A 59 -0.81 -4.92 -5.36
C LEU A 59 -0.80 -6.43 -5.58
N VAL A 60 -1.86 -7.03 -6.15
CA VAL A 60 -1.82 -8.45 -6.46
C VAL A 60 -0.71 -8.71 -7.48
N GLU A 61 -0.63 -7.88 -8.53
CA GLU A 61 0.37 -7.99 -9.57
C GLU A 61 1.78 -7.82 -9.00
N PHE A 62 1.96 -6.78 -8.16
CA PHE A 62 3.22 -6.48 -7.50
C PHE A 62 3.67 -7.64 -6.61
N THR A 63 2.76 -8.10 -5.73
CA THR A 63 3.00 -9.21 -4.80
C THR A 63 3.49 -10.48 -5.52
N LYS A 64 2.85 -10.81 -6.66
CA LYS A 64 3.21 -11.95 -7.50
C LYS A 64 4.64 -11.91 -8.04
N LYS A 65 5.18 -10.70 -8.30
CA LYS A 65 6.55 -10.50 -8.78
C LYS A 65 7.59 -10.32 -7.66
N LEU A 66 7.17 -10.39 -6.37
CA LEU A 66 8.10 -10.26 -5.26
C LEU A 66 9.07 -11.44 -5.23
N PRO A 67 10.39 -11.13 -5.17
CA PRO A 67 11.40 -12.20 -5.15
C PRO A 67 11.11 -13.28 -4.11
N GLY A 68 10.95 -14.52 -4.59
CA GLY A 68 10.69 -15.68 -3.75
C GLY A 68 9.28 -15.87 -3.27
N PHE A 69 8.36 -14.95 -3.61
CA PHE A 69 6.96 -15.07 -3.18
C PHE A 69 6.34 -16.41 -3.58
N GLN A 70 6.75 -16.93 -4.78
CA GLN A 70 6.19 -18.18 -5.27
C GLN A 70 6.85 -19.43 -4.64
N THR A 71 7.77 -19.24 -3.69
CA THR A 71 8.33 -20.34 -2.86
C THR A 71 7.40 -20.63 -1.69
N LEU A 72 6.39 -19.75 -1.45
CA LEU A 72 5.41 -19.92 -0.38
C LEU A 72 4.20 -20.68 -0.93
N ASP A 73 3.56 -21.52 -0.10
CA ASP A 73 2.37 -22.24 -0.57
C ASP A 73 1.22 -21.26 -0.85
N HIS A 74 0.23 -21.67 -1.65
CA HIS A 74 -0.85 -20.75 -2.01
C HIS A 74 -1.59 -20.15 -0.80
N GLU A 75 -1.78 -20.95 0.26
CA GLU A 75 -2.46 -20.44 1.45
C GLU A 75 -1.64 -19.35 2.14
N ASP A 76 -0.29 -19.50 2.18
CA ASP A 76 0.59 -18.47 2.76
C ASP A 76 0.64 -17.22 1.90
N GLN A 77 0.64 -17.40 0.57
CA GLN A 77 0.58 -16.28 -0.38
C GLN A 77 -0.68 -15.43 -0.14
N ILE A 78 -1.84 -16.09 0.01
CA ILE A 78 -3.12 -15.42 0.26
C ILE A 78 -3.08 -14.71 1.62
N ALA A 79 -2.58 -15.41 2.65
CA ALA A 79 -2.47 -14.82 3.99
C ALA A 79 -1.62 -13.54 4.01
N LEU A 80 -0.48 -13.51 3.28
CA LEU A 80 0.37 -12.32 3.24
C LEU A 80 -0.35 -11.21 2.52
N LEU A 81 -1.06 -11.55 1.44
CA LEU A 81 -1.81 -10.55 0.69
CA LEU A 81 -1.81 -10.56 0.67
C LEU A 81 -2.90 -9.90 1.53
N LYS A 82 -3.74 -10.71 2.18
CA LYS A 82 -4.82 -10.25 3.05
CA LYS A 82 -4.82 -10.22 3.02
C LYS A 82 -4.27 -9.50 4.26
N GLY A 83 -3.23 -10.07 4.89
CA GLY A 83 -2.60 -9.50 6.09
C GLY A 83 -1.97 -8.14 5.91
N SER A 84 -1.44 -7.88 4.72
CA SER A 84 -0.73 -6.62 4.45
C SER A 84 -1.53 -5.62 3.65
N ALA A 85 -2.69 -6.04 3.10
CA ALA A 85 -3.48 -5.20 2.20
C ALA A 85 -3.64 -3.73 2.62
N VAL A 86 -4.19 -3.47 3.82
CA VAL A 86 -4.46 -2.10 4.28
C VAL A 86 -3.18 -1.26 4.34
N GLU A 87 -2.11 -1.83 4.91
CA GLU A 87 -0.80 -1.17 5.00
C GLU A 87 -0.20 -0.84 3.61
N ALA A 88 -0.20 -1.82 2.71
CA ALA A 88 0.34 -1.61 1.37
C ALA A 88 -0.51 -0.57 0.62
N MET A 89 -1.85 -0.58 0.82
CA MET A 89 -2.71 0.43 0.18
C MET A 89 -2.39 1.85 0.65
N PHE A 90 -2.29 2.07 1.97
CA PHE A 90 -1.95 3.39 2.46
C PHE A 90 -0.56 3.85 2.02
N LEU A 91 0.43 2.94 1.96
CA LEU A 91 1.77 3.31 1.50
C LEU A 91 1.75 3.78 0.03
N ARG A 92 1.02 3.05 -0.84
CA ARG A 92 0.87 3.41 -2.25
C ARG A 92 0.11 4.75 -2.39
N SER A 93 -0.98 4.94 -1.62
CA SER A 93 -1.73 6.19 -1.61
C SER A 93 -0.87 7.37 -1.15
N ALA A 94 -0.03 7.14 -0.13
CA ALA A 94 0.89 8.16 0.41
C ALA A 94 1.83 8.62 -0.71
N GLU A 95 2.40 7.68 -1.48
CA GLU A 95 3.31 8.01 -2.58
C GLU A 95 2.60 8.83 -3.67
N ILE A 96 1.37 8.41 -4.06
CA ILE A 96 0.58 9.15 -5.06
C ILE A 96 0.26 10.56 -4.57
N PHE A 97 -0.30 10.64 -3.36
CA PHE A 97 -0.69 11.89 -2.71
C PHE A 97 0.46 12.87 -2.58
N ASN A 98 1.62 12.38 -2.12
CA ASN A 98 2.79 13.23 -1.87
C ASN A 98 3.64 13.56 -3.09
N LYS A 99 3.67 12.68 -4.11
CA LYS A 99 4.60 12.88 -5.23
C LYS A 99 4.03 12.77 -6.65
N LYS A 100 2.82 12.23 -6.83
CA LYS A 100 2.28 11.98 -8.17
C LYS A 100 1.16 12.93 -8.61
N LEU A 101 0.70 13.82 -7.72
CA LEU A 101 -0.38 14.74 -8.12
C LEU A 101 0.18 16.05 -8.69
N PRO A 102 -0.59 16.77 -9.55
CA PRO A 102 -0.15 18.12 -9.98
C PRO A 102 0.01 19.06 -8.77
N SER A 103 0.83 20.11 -8.89
CA SER A 103 1.10 21.06 -7.81
C SER A 103 -0.17 21.59 -7.14
N GLY A 104 -0.23 21.47 -5.82
CA GLY A 104 -1.37 21.96 -5.05
C GLY A 104 -2.61 21.09 -5.06
N HIS A 105 -2.66 20.04 -5.91
CA HIS A 105 -3.85 19.19 -5.98
C HIS A 105 -4.10 18.37 -4.71
N SER A 106 -3.04 17.94 -4.02
CA SER A 106 -3.20 17.18 -2.77
C SER A 106 -4.09 17.94 -1.75
N ASP A 107 -3.86 19.29 -1.59
CA ASP A 107 -4.70 20.10 -0.69
C ASP A 107 -6.14 20.17 -1.18
N LEU A 108 -6.34 20.21 -2.53
CA LEU A 108 -7.72 20.27 -3.05
C LEU A 108 -8.46 18.95 -2.81
N LEU A 109 -7.77 17.82 -3.04
CA LEU A 109 -8.36 16.48 -2.85
C LEU A 109 -8.70 16.26 -1.37
N GLU A 110 -7.80 16.73 -0.47
CA GLU A 110 -8.05 16.68 0.98
C GLU A 110 -9.30 17.53 1.29
N ALA A 111 -9.40 18.72 0.68
CA ALA A 111 -10.53 19.62 0.92
C ALA A 111 -11.83 18.94 0.58
N ARG A 112 -11.87 18.29 -0.61
CA ARG A 112 -13.09 17.65 -1.10
C ARG A 112 -13.53 16.48 -0.24
N ILE A 113 -12.58 15.70 0.26
CA ILE A 113 -12.89 14.57 1.13
C ILE A 113 -13.42 15.04 2.48
N ARG A 114 -12.79 16.09 3.04
CA ARG A 114 -13.18 16.67 4.34
CA ARG A 114 -13.17 16.66 4.34
C ARG A 114 -14.55 17.33 4.28
N ASN A 115 -14.99 17.73 3.07
CA ASN A 115 -16.29 18.37 2.87
C ASN A 115 -17.37 17.47 2.28
N SER A 116 -17.08 16.18 2.02
CA SER A 116 -18.04 15.26 1.41
C SER A 116 -19.24 14.89 2.29
N GLY A 117 -19.02 14.85 3.61
CA GLY A 117 -20.04 14.46 4.58
C GLY A 117 -19.62 13.25 5.39
N ILE A 118 -18.75 12.35 4.82
CA ILE A 118 -18.23 11.14 5.50
C ILE A 118 -17.53 11.55 6.81
N SER A 119 -17.74 10.76 7.90
CA SER A 119 -17.14 11.05 9.22
C SER A 119 -15.63 11.21 9.12
N ASP A 120 -15.06 12.21 9.82
CA ASP A 120 -13.63 12.51 9.80
C ASP A 120 -12.81 11.75 10.85
N GLU A 121 -13.46 10.78 11.57
CA GLU A 121 -12.82 9.95 12.61
C GLU A 121 -11.53 9.31 12.16
N TYR A 122 -11.54 8.71 10.96
CA TYR A 122 -10.38 8.05 10.41
C TYR A 122 -9.73 8.83 9.28
N ILE A 123 -10.34 9.95 8.85
CA ILE A 123 -9.83 10.81 7.78
CA ILE A 123 -9.81 10.78 7.77
C ILE A 123 -8.62 11.61 8.23
N THR A 124 -8.75 12.30 9.39
CA THR A 124 -7.68 13.13 9.92
C THR A 124 -6.41 12.29 10.16
N PRO A 125 -6.43 11.13 10.85
CA PRO A 125 -5.18 10.36 11.00
C PRO A 125 -4.56 9.90 9.66
N MET A 126 -5.39 9.66 8.61
CA MET A 126 -4.89 9.25 7.27
C MET A 126 -4.05 10.42 6.66
N PHE A 127 -4.62 11.63 6.57
CA PHE A 127 -3.91 12.79 6.05
C PHE A 127 -2.71 13.17 6.92
N SER A 128 -2.83 13.00 8.25
CA SER A 128 -1.70 13.24 9.16
C SER A 128 -0.58 12.25 8.86
N PHE A 129 -0.93 10.96 8.60
CA PHE A 129 0.06 9.96 8.22
C PHE A 129 0.80 10.40 6.93
N TYR A 130 0.04 10.86 5.90
CA TYR A 130 0.64 11.30 4.62
C TYR A 130 1.61 12.44 4.84
N LYS A 131 1.23 13.40 5.70
CA LYS A 131 2.07 14.54 6.04
C LYS A 131 3.36 14.08 6.74
N SER A 132 3.24 13.15 7.70
CA SER A 132 4.34 12.59 8.50
C SER A 132 5.38 11.84 7.68
N ILE A 133 4.94 10.99 6.73
CA ILE A 133 5.84 10.25 5.87
C ILE A 133 6.42 11.20 4.79
N GLY A 134 5.62 12.22 4.42
CA GLY A 134 5.98 13.25 3.45
C GLY A 134 7.18 14.07 3.88
N GLU A 135 7.42 14.19 5.21
CA GLU A 135 8.56 14.94 5.76
C GLU A 135 9.87 14.16 5.67
N LEU A 136 9.81 12.82 5.47
CA LEU A 136 10.99 11.96 5.33
C LEU A 136 11.66 12.05 3.94
N LYS A 137 10.98 12.71 2.96
CA LYS A 137 11.46 12.92 1.58
C LYS A 137 11.95 11.60 0.96
N MET A 138 11.08 10.60 1.00
CA MET A 138 11.38 9.26 0.48
C MET A 138 11.48 9.27 -1.02
N THR A 139 12.35 8.42 -1.54
CA THR A 139 12.55 8.22 -2.97
C THR A 139 11.53 7.17 -3.42
N GLN A 140 11.37 7.00 -4.73
CA GLN A 140 10.50 5.95 -5.29
C GLN A 140 10.98 4.58 -4.81
N GLU A 141 12.33 4.38 -4.75
CA GLU A 141 12.93 3.12 -4.28
C GLU A 141 12.51 2.78 -2.87
N GLU A 142 12.52 3.79 -1.99
CA GLU A 142 12.16 3.61 -0.61
C GLU A 142 10.69 3.23 -0.48
N TYR A 143 9.78 3.92 -1.23
CA TYR A 143 8.36 3.56 -1.17
C TYR A 143 8.15 2.11 -1.67
N ALA A 144 8.80 1.72 -2.79
CA ALA A 144 8.61 0.40 -3.35
C ALA A 144 9.15 -0.70 -2.41
N LEU A 145 10.35 -0.47 -1.86
CA LEU A 145 10.96 -1.40 -0.90
C LEU A 145 10.15 -1.51 0.39
N LEU A 146 9.69 -0.37 1.00
CA LEU A 146 8.87 -0.44 2.21
C LEU A 146 7.60 -1.26 1.92
N THR A 147 6.99 -1.07 0.72
CA THR A 147 5.80 -1.81 0.32
C THR A 147 6.12 -3.31 0.30
N ALA A 148 7.26 -3.69 -0.31
CA ALA A 148 7.64 -5.11 -0.36
C ALA A 148 7.91 -5.67 1.05
N ILE A 149 8.53 -4.85 1.92
CA ILE A 149 8.86 -5.23 3.27
C ILE A 149 7.59 -5.47 4.08
N VAL A 150 6.58 -4.61 3.86
CA VAL A 150 5.28 -4.73 4.55
C VAL A 150 4.62 -6.06 4.14
N ILE A 151 4.62 -6.35 2.85
CA ILE A 151 3.98 -7.56 2.32
C ILE A 151 4.66 -8.79 2.87
N LEU A 152 6.00 -8.81 2.87
CA LEU A 152 6.78 -9.94 3.33
C LEU A 152 7.05 -9.92 4.84
N SER A 153 6.04 -9.51 5.62
CA SER A 153 6.14 -9.45 7.08
CA SER A 153 6.16 -9.45 7.08
C SER A 153 5.93 -10.83 7.70
N PRO A 154 6.92 -11.39 8.44
CA PRO A 154 6.71 -12.71 9.07
C PRO A 154 5.87 -12.68 10.36
N ASP A 155 5.52 -11.48 10.82
CA ASP A 155 4.79 -11.19 12.07
C ASP A 155 3.27 -11.41 12.02
N ARG A 156 2.72 -11.54 10.81
CA ARG A 156 1.26 -11.65 10.56
C ARG A 156 0.54 -12.73 11.40
N GLN A 157 -0.76 -12.53 11.65
CA GLN A 157 -1.56 -13.45 12.43
C GLN A 157 -1.56 -14.85 11.76
N TYR A 158 -1.75 -14.81 10.45
N TYR A 158 -1.79 -14.97 10.40
CA TYR A 158 -1.77 -15.93 9.57
CA TYR A 158 -1.99 -16.29 9.70
C TYR A 158 -0.56 -15.90 8.66
C TYR A 158 -0.93 -16.92 8.70
N ILE A 159 0.34 -16.78 8.95
CA ILE A 159 1.46 -17.24 8.13
C ILE A 159 1.99 -18.54 8.71
N LYS A 160 1.95 -19.63 7.93
CA LYS A 160 2.44 -20.92 8.44
C LYS A 160 3.95 -20.96 8.43
N ASP A 161 4.60 -20.59 7.31
CA ASP A 161 6.06 -20.66 7.23
C ASP A 161 6.71 -19.32 7.49
N ARG A 162 6.74 -18.93 8.75
CA ARG A 162 7.30 -17.66 9.19
C ARG A 162 8.75 -17.54 8.88
N GLU A 163 9.53 -18.61 9.12
CA GLU A 163 10.96 -18.58 8.87
C GLU A 163 11.27 -18.38 7.37
N ALA A 164 10.45 -18.99 6.46
CA ALA A 164 10.64 -18.79 5.01
C ALA A 164 10.35 -17.31 4.67
N VAL A 165 9.29 -16.71 5.26
CA VAL A 165 8.98 -15.30 5.01
C VAL A 165 10.09 -14.38 5.55
N GLU A 166 10.59 -14.66 6.76
CA GLU A 166 11.69 -13.93 7.41
C GLU A 166 12.90 -13.92 6.47
N LYS A 167 13.23 -15.10 5.87
CA LYS A 167 14.35 -15.26 4.93
C LYS A 167 14.14 -14.49 3.63
N LEU A 168 12.88 -14.27 3.22
CA LEU A 168 12.52 -13.48 2.05
C LEU A 168 12.62 -11.97 2.32
N GLN A 169 12.21 -11.54 3.53
CA GLN A 169 12.20 -10.14 3.91
C GLN A 169 13.60 -9.62 4.18
N GLU A 170 14.45 -10.44 4.81
CA GLU A 170 15.82 -10.10 5.19
C GLU A 170 16.64 -9.43 4.04
N PRO A 171 16.73 -9.96 2.80
CA PRO A 171 17.53 -9.29 1.77
C PRO A 171 16.94 -7.94 1.35
N LEU A 172 15.62 -7.77 1.47
CA LEU A 172 14.98 -6.50 1.14
C LEU A 172 15.33 -5.40 2.16
N LEU A 173 15.37 -5.76 3.44
CA LEU A 173 15.76 -4.84 4.52
C LEU A 173 17.20 -4.39 4.29
N ASP A 174 18.05 -5.32 3.84
CA ASP A 174 19.46 -5.11 3.55
C ASP A 174 19.64 -4.13 2.40
N VAL A 175 18.84 -4.30 1.30
CA VAL A 175 18.83 -3.36 0.18
C VAL A 175 18.40 -1.96 0.69
N LEU A 176 17.31 -1.90 1.45
CA LEU A 176 16.83 -0.62 1.96
C LEU A 176 17.86 0.08 2.84
N GLN A 177 18.55 -0.68 3.72
CA GLN A 177 19.58 -0.13 4.58
C GLN A 177 20.71 0.51 3.72
N LYS A 178 21.10 -0.18 2.63
CA LYS A 178 22.14 0.30 1.74
C LYS A 178 21.71 1.57 1.06
N LEU A 179 20.46 1.61 0.55
CA LEU A 179 19.93 2.81 -0.08
C LEU A 179 19.91 4.00 0.87
N CYS A 180 19.57 3.76 2.15
CA CYS A 180 19.56 4.81 3.19
C CYS A 180 20.94 5.40 3.40
N LYS A 181 21.97 4.54 3.43
CA LYS A 181 23.36 4.94 3.62
CA LYS A 181 23.35 4.95 3.62
C LYS A 181 23.87 5.75 2.44
N ILE A 182 23.44 5.39 1.22
CA ILE A 182 23.89 6.08 0.01
C ILE A 182 23.28 7.46 -0.12
N HIS A 183 21.98 7.59 0.11
CA HIS A 183 21.29 8.87 -0.12
C HIS A 183 21.13 9.75 1.09
N GLN A 184 21.12 9.19 2.30
CA GLN A 184 21.02 10.04 3.51
C GLN A 184 22.22 9.68 4.40
N PRO A 185 23.48 9.85 3.91
CA PRO A 185 24.64 9.41 4.74
C PRO A 185 24.78 10.19 6.05
N GLU A 186 24.29 11.45 6.07
CA GLU A 186 24.39 12.34 7.23
CA GLU A 186 24.37 12.35 7.23
C GLU A 186 23.44 11.91 8.37
N ASN A 187 22.41 11.11 8.04
CA ASN A 187 21.41 10.63 9.02
C ASN A 187 21.46 9.10 9.23
N PRO A 188 22.30 8.61 10.17
CA PRO A 188 22.39 7.15 10.38
C PRO A 188 21.10 6.48 10.85
N GLN A 189 20.14 7.26 11.41
CA GLN A 189 18.84 6.73 11.85
C GLN A 189 17.74 6.75 10.77
N HIS A 190 18.09 7.13 9.51
CA HIS A 190 17.12 7.22 8.45
C HIS A 190 16.40 5.90 8.23
N PHE A 191 17.16 4.77 8.25
CA PHE A 191 16.58 3.42 8.03
C PHE A 191 15.56 3.12 9.12
N ALA A 192 15.94 3.35 10.42
CA ALA A 192 15.01 3.15 11.54
C ALA A 192 13.78 4.05 11.46
N CYS A 193 13.93 5.32 10.99
CA CYS A 193 12.81 6.26 10.82
C CYS A 193 11.80 5.75 9.82
N LEU A 194 12.28 5.26 8.68
CA LEU A 194 11.43 4.67 7.63
C LEU A 194 10.60 3.53 8.20
N LEU A 195 11.28 2.57 8.83
CA LEU A 195 10.62 1.43 9.43
C LEU A 195 9.66 1.81 10.55
N GLY A 196 10.00 2.86 11.32
CA GLY A 196 9.14 3.36 12.38
C GLY A 196 7.77 3.80 11.92
N ARG A 197 7.68 4.34 10.68
CA ARG A 197 6.41 4.80 10.09
C ARG A 197 5.43 3.65 9.81
N LEU A 198 5.93 2.41 9.79
CA LEU A 198 5.14 1.21 9.59
C LEU A 198 4.34 0.81 10.84
N THR A 199 4.70 1.34 12.03
CA THR A 199 3.95 1.02 13.25
C THR A 199 2.60 1.74 13.21
N GLU A 200 2.57 2.97 12.63
CA GLU A 200 1.34 3.75 12.45
C GLU A 200 0.43 3.03 11.45
N LEU A 201 1.00 2.47 10.36
CA LEU A 201 0.22 1.69 9.39
C LEU A 201 -0.42 0.45 10.05
N ARG A 202 0.33 -0.22 10.95
CA ARG A 202 -0.19 -1.40 11.64
C ARG A 202 -1.43 -1.11 12.44
N THR A 203 -1.55 0.11 13.03
CA THR A 203 -2.74 0.52 13.77
C THR A 203 -3.92 0.69 12.83
N PHE A 204 -3.67 1.20 11.59
CA PHE A 204 -4.74 1.35 10.59
C PHE A 204 -5.21 -0.03 10.21
N ASN A 205 -4.25 -0.98 10.05
CA ASN A 205 -4.58 -2.36 9.71
C ASN A 205 -5.40 -3.01 10.80
N HIS A 206 -5.00 -2.83 12.07
CA HIS A 206 -5.69 -3.44 13.20
C HIS A 206 -7.15 -2.97 13.31
N HIS A 207 -7.41 -1.68 13.06
CA HIS A 207 -8.76 -1.14 13.15
C HIS A 207 -9.41 -0.94 11.78
N HIS A 208 -8.92 -1.65 10.74
CA HIS A 208 -9.46 -1.40 9.41
C HIS A 208 -10.96 -1.66 9.27
N ALA A 209 -11.53 -2.66 9.97
CA ALA A 209 -12.97 -2.95 9.87
C ALA A 209 -13.83 -1.80 10.39
N GLU A 210 -13.43 -1.15 11.52
CA GLU A 210 -14.16 0.01 12.06
C GLU A 210 -14.01 1.21 11.11
N MET A 211 -12.80 1.38 10.55
CA MET A 211 -12.48 2.46 9.60
CA MET A 211 -12.51 2.47 9.62
C MET A 211 -13.42 2.36 8.40
N LEU A 212 -13.45 1.17 7.76
CA LEU A 212 -14.29 0.89 6.60
C LEU A 212 -15.73 1.10 6.92
N MET A 213 -16.18 0.67 8.14
CA MET A 213 -17.56 0.87 8.61
CA MET A 213 -17.55 0.88 8.63
C MET A 213 -17.90 2.37 8.61
N SER A 214 -16.97 3.22 9.10
CA SER A 214 -17.15 4.68 9.15
C SER A 214 -17.24 5.32 7.76
N TRP A 215 -16.79 4.61 6.71
CA TRP A 215 -16.81 5.12 5.34
C TRP A 215 -18.01 4.62 4.54
N ARG A 216 -18.83 3.74 5.14
CA ARG A 216 -20.02 3.22 4.50
C ARG A 216 -21.12 4.29 4.45
N VAL A 217 -21.72 4.45 3.28
CA VAL A 217 -22.83 5.39 3.05
C VAL A 217 -24.02 4.50 2.71
N ASN A 218 -25.19 4.75 3.32
CA ASN A 218 -26.39 3.92 3.11
C ASN A 218 -26.86 3.88 1.65
N LYS A 221 -21.77 -2.68 1.65
CA LYS A 221 -21.99 -2.29 0.25
C LYS A 221 -20.70 -2.28 -0.56
N PHE A 222 -19.67 -2.98 -0.08
CA PHE A 222 -18.41 -3.04 -0.81
C PHE A 222 -18.51 -4.15 -1.87
N THR A 223 -17.70 -4.02 -2.94
CA THR A 223 -17.66 -5.01 -4.02
C THR A 223 -17.12 -6.39 -3.53
N PRO A 224 -17.40 -7.49 -4.26
CA PRO A 224 -16.94 -8.81 -3.81
C PRO A 224 -15.44 -8.92 -3.59
N LEU A 225 -14.62 -8.38 -4.54
CA LEU A 225 -13.17 -8.42 -4.43
C LEU A 225 -12.69 -7.69 -3.15
N LEU A 226 -13.27 -6.51 -2.86
CA LEU A 226 -12.88 -5.71 -1.67
C LEU A 226 -13.29 -6.39 -0.39
N CYS A 227 -14.48 -7.04 -0.37
CA CYS A 227 -14.97 -7.79 0.80
C CYS A 227 -14.01 -8.93 1.12
N GLU A 228 -13.44 -9.55 0.08
CA GLU A 228 -12.52 -10.67 0.25
C GLU A 228 -11.19 -10.21 0.81
N ILE A 229 -10.58 -9.18 0.20
CA ILE A 229 -9.25 -8.77 0.65
C ILE A 229 -9.28 -8.12 2.03
N TRP A 230 -10.38 -7.42 2.39
CA TRP A 230 -10.50 -6.74 3.68
C TRP A 230 -11.25 -7.53 4.76
N ASP A 231 -11.80 -8.72 4.45
CA ASP A 231 -12.58 -9.53 5.41
C ASP A 231 -13.80 -8.76 5.94
N VAL A 232 -14.48 -8.02 5.04
CA VAL A 232 -15.66 -7.20 5.35
C VAL A 232 -16.81 -7.64 4.45
N PRO B 1 -13.28 -21.55 -5.99
CA PRO B 1 -12.15 -20.71 -5.52
C PRO B 1 -12.55 -19.25 -5.34
N SER B 2 -11.86 -18.55 -4.43
CA SER B 2 -12.15 -17.15 -4.14
C SER B 2 -11.68 -16.26 -5.28
N LEU B 3 -12.15 -15.00 -5.30
CA LEU B 3 -11.68 -14.06 -6.32
C LEU B 3 -10.20 -13.81 -6.20
N LEU B 4 -9.70 -13.66 -4.94
CA LEU B 4 -8.28 -13.42 -4.70
CA LEU B 4 -8.27 -13.42 -4.71
C LEU B 4 -7.40 -14.57 -5.21
N LYS B 5 -7.81 -15.84 -4.93
CA LYS B 5 -7.09 -17.04 -5.38
CA LYS B 5 -7.10 -17.05 -5.39
C LYS B 5 -7.07 -17.08 -6.91
N LYS B 6 -8.22 -16.81 -7.57
CA LYS B 6 -8.29 -16.81 -9.05
C LYS B 6 -7.32 -15.78 -9.63
N LEU B 7 -7.23 -14.59 -9.02
CA LEU B 7 -6.34 -13.55 -9.51
C LEU B 7 -4.88 -13.87 -9.20
N LEU B 8 -4.60 -14.37 -7.97
CA LEU B 8 -3.25 -14.74 -7.56
C LEU B 8 -2.70 -15.88 -8.41
N LEU B 9 -3.53 -16.90 -8.71
CA LEU B 9 -3.12 -18.10 -9.47
C LEU B 9 -3.21 -17.95 -10.99
N ALA B 10 -3.76 -16.84 -11.49
CA ALA B 10 -3.87 -16.62 -12.93
C ALA B 10 -2.43 -16.53 -13.52
N PRO B 11 -2.02 -17.42 -14.46
CA PRO B 11 -0.64 -17.37 -14.97
C PRO B 11 -0.24 -16.01 -15.55
N ALA B 12 0.94 -15.49 -15.18
CA ALA B 12 1.41 -14.18 -15.68
C ALA B 12 1.72 -14.20 -17.19
O4 0X0 C . -9.13 4.86 -1.90
S 0X0 C . -7.85 5.00 -1.30
O3 0X0 C . -6.66 5.00 -2.10
C17 0X0 C . -7.67 3.79 -0.03
C23 0X0 C . -8.75 2.98 0.30
C22 0X0 C . -8.62 2.04 1.32
C20 0X0 C . -7.42 1.88 2.01
C21 0X0 C . -7.28 0.86 3.09
C19 0X0 C . -6.36 2.71 1.66
C18 0X0 C . -6.47 3.67 0.65
N 0X0 C . -7.85 6.45 -0.41
C8 0X0 C . -6.55 7.05 -0.07
C9 0X0 C . -5.92 8.28 -0.67
N1 0X0 C . -6.34 8.69 -1.87
C10 0X0 C . -5.77 9.87 -2.52
C14 0X0 C . -5.23 9.53 -3.93
C16 0X0 C . -4.38 8.25 -3.93
C15 0X0 C . -4.44 10.69 -4.55
C11 0X0 C . -6.67 11.17 -2.43
C13 0X0 C . -8.03 11.00 -3.12
C12 0X0 C . -6.83 11.66 -1.01
O2 0X0 C . -5.04 8.87 -0.05
C4 0X0 C . -9.07 7.09 0.03
C3 0X0 C . -9.45 6.95 1.37
C2 0X0 C . -10.59 7.54 1.85
C5 0X0 C . -9.88 7.85 -0.84
C6 0X0 C . -11.05 8.44 -0.35
O1 0X0 C . -11.92 9.21 -1.09
C7 0X0 C . -12.27 8.76 -2.39
C1 0X0 C . -11.40 8.28 1.01
O 0X0 C . -12.56 8.90 1.40
C 0X0 C . -13.21 8.40 2.58
#